data_3TIF
#
_entry.id   3TIF
#
_cell.length_a   80.649
_cell.length_b   106.347
_cell.length_c   117.232
_cell.angle_alpha   90.00
_cell.angle_beta   90.00
_cell.angle_gamma   90.00
#
_symmetry.space_group_name_H-M   'C 2 2 21'
#
loop_
_entity.id
_entity.type
_entity.pdbx_description
1 polymer 'Uncharacterized ABC transporter ATP-binding protein MJ0796'
2 non-polymer "ADENOSINE-5'-DIPHOSPHATE"
3 non-polymer 'HYDROGENPHOSPHATE ION'
4 non-polymer 'ISOPROPYL ALCOHOL'
5 non-polymer 'SODIUM ION'
6 water water
#
_entity_poly.entity_id   1
_entity_poly.type   'polypeptide(L)'
_entity_poly.pdbx_seq_one_letter_code
;MVKLKNVTKTYKMGEEIIYALKNVNLNIKEGEFVSIMGPSGSGKSTMLNIIGCLDKPTEGEVYIDNIKTNDLDDDELTKI
RRDKIGFVFQQFNLIPLLTALENVELPLIFKYRGAMSGEERRKRALECLKMAELEERFANHKPNQLSGGQQQRVAIARAL
ANNPPIILADQPTWALDSKTGEKIMQLLKKLNEEDGKTVVVVTHDINVARFGERIIYLKDGEVEREEKLRGFDDR
;
_entity_poly.pdbx_strand_id   A,B
#
# COMPACT_ATOMS: atom_id res chain seq x y z
N MET A 1 -9.97 -3.25 -27.39
CA MET A 1 -10.42 -4.05 -26.25
C MET A 1 -10.99 -3.15 -25.15
N VAL A 2 -10.42 -1.95 -25.01
CA VAL A 2 -10.88 -0.97 -24.03
C VAL A 2 -10.92 0.41 -24.64
N LYS A 3 -12.06 1.09 -24.59
CA LYS A 3 -12.11 2.47 -25.07
C LYS A 3 -12.79 3.39 -24.07
N LEU A 4 -12.13 4.50 -23.75
CA LEU A 4 -12.74 5.59 -23.01
C LEU A 4 -12.95 6.75 -23.97
N LYS A 5 -14.19 7.21 -24.10
CA LYS A 5 -14.53 8.27 -25.04
C LYS A 5 -15.03 9.50 -24.32
N ASN A 6 -14.20 10.56 -24.32
N ASN A 6 -14.20 10.55 -24.30
CA ASN A 6 -14.56 11.81 -23.66
CA ASN A 6 -14.55 11.81 -23.65
C ASN A 6 -15.07 11.57 -22.24
C ASN A 6 -15.06 11.60 -22.24
N VAL A 7 -14.27 10.88 -21.44
CA VAL A 7 -14.68 10.50 -20.11
C VAL A 7 -14.31 11.57 -19.09
N THR A 8 -15.29 11.96 -18.29
CA THR A 8 -15.06 12.87 -17.18
C THR A 8 -15.67 12.27 -15.92
N LYS A 9 -14.96 12.45 -14.80
CA LYS A 9 -15.45 12.00 -13.50
C LYS A 9 -15.30 13.12 -12.51
N THR A 10 -16.42 13.64 -12.02
CA THR A 10 -16.38 14.79 -11.12
C THR A 10 -16.93 14.44 -9.76
N TYR A 11 -16.45 15.18 -8.76
CA TYR A 11 -16.95 15.06 -7.41
C TYR A 11 -17.36 16.45 -6.95
N LYS A 12 -18.45 16.52 -6.20
CA LYS A 12 -18.88 17.78 -5.64
C LYS A 12 -18.61 17.80 -4.15
N MET A 13 -17.93 18.84 -3.69
CA MET A 13 -17.67 19.04 -2.27
C MET A 13 -18.01 20.47 -1.86
N GLY A 14 -19.11 20.64 -1.13
CA GLY A 14 -19.58 21.98 -0.82
C GLY A 14 -20.03 22.66 -2.12
N GLU A 15 -19.40 23.77 -2.47
CA GLU A 15 -19.67 24.41 -3.75
C GLU A 15 -18.51 24.17 -4.71
N GLU A 16 -17.53 23.41 -4.25
CA GLU A 16 -16.34 23.10 -5.03
C GLU A 16 -16.58 21.91 -5.96
N ILE A 17 -16.14 22.03 -7.21
CA ILE A 17 -16.25 20.96 -8.19
C ILE A 17 -14.88 20.38 -8.51
N ILE A 18 -14.72 19.08 -8.30
CA ILE A 18 -13.44 18.41 -8.50
C ILE A 18 -13.46 17.50 -9.71
N TYR A 19 -12.54 17.71 -10.65
CA TYR A 19 -12.44 16.86 -11.83
C TYR A 19 -11.35 15.82 -11.65
N ALA A 20 -11.74 14.62 -11.23
CA ALA A 20 -10.78 13.53 -11.03
C ALA A 20 -10.26 13.06 -12.38
N LEU A 21 -11.14 13.07 -13.36
CA LEU A 21 -10.75 12.87 -14.76
C LEU A 21 -11.46 13.92 -15.59
N LYS A 22 -10.77 14.48 -16.57
CA LYS A 22 -11.37 15.53 -17.38
C LYS A 22 -11.23 15.24 -18.87
N ASN A 23 -12.37 14.94 -19.51
CA ASN A 23 -12.44 14.69 -20.94
C ASN A 23 -11.33 13.79 -21.45
N VAL A 24 -11.19 12.61 -20.84
CA VAL A 24 -10.10 11.74 -21.22
C VAL A 24 -10.50 10.82 -22.37
N ASN A 25 -9.54 10.59 -23.26
CA ASN A 25 -9.72 9.64 -24.34
C ASN A 25 -8.62 8.62 -24.32
N LEU A 26 -9.00 7.36 -24.45
CA LEU A 26 -8.03 6.27 -24.30
C LEU A 26 -8.48 5.10 -25.14
N ASN A 27 -7.52 4.51 -25.83
CA ASN A 27 -7.80 3.35 -26.66
C ASN A 27 -6.76 2.27 -26.46
N ILE A 28 -7.16 1.18 -25.82
CA ILE A 28 -6.27 0.05 -25.52
C ILE A 28 -6.69 -1.17 -26.34
N LYS A 29 -5.83 -1.63 -27.24
CA LYS A 29 -6.20 -2.73 -28.12
C LYS A 29 -6.12 -4.08 -27.45
N GLU A 30 -6.81 -5.07 -28.00
CA GLU A 30 -6.73 -6.43 -27.48
C GLU A 30 -5.28 -6.92 -27.49
N GLY A 31 -4.83 -7.44 -26.35
CA GLY A 31 -3.50 -8.01 -26.23
C GLY A 31 -2.40 -6.99 -25.96
N GLU A 32 -2.77 -5.72 -25.83
CA GLU A 32 -1.79 -4.69 -25.49
C GLU A 32 -1.41 -4.76 -24.01
N PHE A 33 -0.16 -4.38 -23.72
CA PHE A 33 0.32 -4.21 -22.35
C PHE A 33 0.57 -2.72 -22.17
N VAL A 34 -0.22 -2.07 -21.33
CA VAL A 34 -0.10 -0.63 -21.16
C VAL A 34 0.12 -0.30 -19.69
N SER A 35 1.03 0.65 -19.46
CA SER A 35 1.30 1.13 -18.10
C SER A 35 0.76 2.54 -17.96
N ILE A 36 0.32 2.89 -16.75
CA ILE A 36 -0.22 4.22 -16.48
C ILE A 36 0.52 4.83 -15.32
N MET A 37 1.08 6.02 -15.53
CA MET A 37 1.86 6.72 -14.51
C MET A 37 1.34 8.13 -14.31
N GLY A 38 1.82 8.78 -13.27
CA GLY A 38 1.46 10.17 -12.98
C GLY A 38 1.49 10.43 -11.49
N PRO A 39 1.56 11.70 -11.09
CA PRO A 39 1.65 12.10 -9.68
C PRO A 39 0.51 11.51 -8.85
N SER A 40 0.76 11.35 -7.54
CA SER A 40 -0.29 10.96 -6.63
C SER A 40 -1.42 11.97 -6.79
N GLY A 41 -2.62 11.46 -7.05
CA GLY A 41 -3.80 12.30 -7.16
C GLY A 41 -4.16 12.71 -8.57
N SER A 42 -3.42 12.22 -9.56
CA SER A 42 -3.64 12.63 -10.96
C SER A 42 -4.83 11.95 -11.65
N GLY A 43 -5.41 10.93 -11.02
CA GLY A 43 -6.60 10.28 -11.56
C GLY A 43 -6.38 8.85 -12.04
N LYS A 44 -5.25 8.24 -11.66
CA LYS A 44 -4.92 6.91 -12.16
C LYS A 44 -5.90 5.83 -11.69
N SER A 45 -6.19 5.82 -10.39
CA SER A 45 -7.14 4.83 -9.88
C SER A 45 -8.54 5.08 -10.39
N THR A 46 -8.92 6.35 -10.50
CA THR A 46 -10.23 6.66 -11.05
C THR A 46 -10.35 6.03 -12.44
N MET A 47 -9.31 6.22 -13.25
CA MET A 47 -9.30 5.69 -14.60
C MET A 47 -9.41 4.18 -14.61
N LEU A 48 -8.60 3.53 -13.78
CA LEU A 48 -8.64 2.06 -13.72
C LEU A 48 -10.01 1.55 -13.24
N ASN A 49 -10.60 2.24 -12.25
CA ASN A 49 -11.90 1.87 -11.71
C ASN A 49 -13.00 1.97 -12.75
N ILE A 50 -12.90 3.00 -13.57
CA ILE A 50 -13.85 3.18 -14.66
C ILE A 50 -13.70 2.07 -15.71
N ILE A 51 -12.47 1.80 -16.14
CA ILE A 51 -12.21 0.65 -17.02
C ILE A 51 -12.70 -0.65 -16.40
N GLY A 52 -12.50 -0.78 -15.09
CA GLY A 52 -12.88 -2.00 -14.39
C GLY A 52 -14.36 -2.08 -14.05
N CYS A 53 -15.13 -1.10 -14.50
CA CYS A 53 -16.58 -1.05 -14.24
C CYS A 53 -16.94 -1.06 -12.77
N LEU A 54 -16.08 -0.46 -11.95
CA LEU A 54 -16.31 -0.34 -10.51
C LEU A 54 -16.83 1.05 -10.18
N ASP A 55 -16.68 1.96 -11.13
CA ASP A 55 -17.20 3.30 -11.01
C ASP A 55 -17.71 3.68 -12.38
N LYS A 56 -18.68 4.58 -12.42
CA LYS A 56 -19.22 5.07 -13.69
C LYS A 56 -18.71 6.49 -13.94
N PRO A 57 -18.46 6.83 -15.21
CA PRO A 57 -18.04 8.20 -15.49
C PRO A 57 -19.19 9.16 -15.25
N THR A 58 -18.89 10.44 -15.06
CA THR A 58 -19.93 11.44 -14.90
C THR A 58 -20.44 11.81 -16.28
N GLU A 59 -19.51 11.86 -17.23
CA GLU A 59 -19.81 12.14 -18.62
C GLU A 59 -18.89 11.27 -19.49
N GLY A 60 -19.39 10.81 -20.64
CA GLY A 60 -18.58 10.01 -21.55
C GLY A 60 -19.03 8.56 -21.69
N GLU A 61 -18.33 7.81 -22.54
CA GLU A 61 -18.69 6.42 -22.81
C GLU A 61 -17.52 5.47 -22.57
N VAL A 62 -17.84 4.24 -22.19
CA VAL A 62 -16.85 3.22 -21.89
C VAL A 62 -17.20 1.96 -22.64
N TYR A 63 -16.23 1.39 -23.35
CA TYR A 63 -16.45 0.15 -24.07
C TYR A 63 -15.45 -0.88 -23.62
N ILE A 64 -15.96 -2.02 -23.20
CA ILE A 64 -15.13 -3.15 -22.77
C ILE A 64 -15.40 -4.37 -23.66
N ASP A 65 -14.37 -4.82 -24.35
CA ASP A 65 -14.48 -5.96 -25.23
C ASP A 65 -15.68 -5.77 -26.17
N ASN A 66 -15.76 -4.55 -26.72
CA ASN A 66 -16.79 -4.19 -27.70
C ASN A 66 -18.20 -4.04 -27.12
N ILE A 67 -18.27 -3.92 -25.79
CA ILE A 67 -19.55 -3.76 -25.10
C ILE A 67 -19.65 -2.40 -24.42
N LYS A 68 -20.67 -1.62 -24.75
CA LYS A 68 -20.86 -0.32 -24.11
C LYS A 68 -21.39 -0.54 -22.69
N THR A 69 -20.65 -0.10 -21.68
CA THR A 69 -21.02 -0.43 -20.30
C THR A 69 -21.81 0.65 -19.57
N ASN A 70 -21.76 1.87 -20.08
CA ASN A 70 -22.46 2.98 -19.43
C ASN A 70 -23.83 2.61 -18.88
N ASP A 71 -24.76 2.37 -19.78
CA ASP A 71 -26.17 2.21 -19.44
C ASP A 71 -26.56 0.79 -19.05
N LEU A 72 -25.62 0.04 -18.48
CA LEU A 72 -25.91 -1.31 -18.04
C LEU A 72 -26.34 -1.31 -16.58
N ASP A 73 -27.27 -2.19 -16.24
CA ASP A 73 -27.73 -2.32 -14.87
C ASP A 73 -26.79 -3.21 -14.07
N ASP A 74 -26.73 -2.99 -12.76
CA ASP A 74 -25.75 -3.66 -11.91
C ASP A 74 -25.62 -5.16 -12.12
N ASP A 75 -26.70 -5.82 -12.50
CA ASP A 75 -26.66 -7.26 -12.80
C ASP A 75 -25.77 -7.54 -14.00
N GLU A 76 -25.95 -6.75 -15.07
CA GLU A 76 -25.17 -6.91 -16.29
C GLU A 76 -23.71 -6.50 -16.03
N LEU A 77 -23.53 -5.41 -15.29
CA LEU A 77 -22.21 -4.93 -14.93
C LEU A 77 -21.43 -5.94 -14.09
N THR A 78 -22.10 -6.53 -13.10
CA THR A 78 -21.46 -7.55 -12.28
C THR A 78 -20.98 -8.67 -13.18
N LYS A 79 -21.83 -9.07 -14.12
CA LYS A 79 -21.49 -10.15 -15.05
C LYS A 79 -20.29 -9.80 -15.92
N ILE A 80 -20.28 -8.59 -16.47
CA ILE A 80 -19.18 -8.17 -17.32
C ILE A 80 -17.87 -8.14 -16.56
N ARG A 81 -17.89 -7.57 -15.35
CA ARG A 81 -16.70 -7.58 -14.52
C ARG A 81 -16.20 -9.00 -14.27
N ARG A 82 -17.11 -9.90 -13.89
CA ARG A 82 -16.69 -11.26 -13.58
C ARG A 82 -16.16 -11.97 -14.82
N ASP A 83 -16.81 -11.76 -15.95
CA ASP A 83 -16.39 -12.45 -17.18
C ASP A 83 -15.11 -11.88 -17.74
N LYS A 84 -15.03 -10.55 -17.78
CA LYS A 84 -14.02 -9.88 -18.61
C LYS A 84 -12.78 -9.41 -17.84
N ILE A 85 -12.94 -9.12 -16.55
CA ILE A 85 -11.90 -8.37 -15.83
C ILE A 85 -11.34 -9.08 -14.60
N GLY A 86 -10.02 -9.08 -14.47
CA GLY A 86 -9.37 -9.51 -13.25
C GLY A 86 -8.72 -8.26 -12.66
N PHE A 87 -9.18 -7.84 -11.48
CA PHE A 87 -8.78 -6.55 -10.92
C PHE A 87 -7.92 -6.72 -9.67
N VAL A 88 -6.73 -6.11 -9.67
CA VAL A 88 -5.85 -6.15 -8.51
C VAL A 88 -5.95 -4.81 -7.80
N PHE A 89 -6.56 -4.81 -6.62
CA PHE A 89 -6.82 -3.59 -5.90
C PHE A 89 -5.57 -3.07 -5.21
N GLN A 90 -5.44 -1.74 -5.17
N GLN A 90 -5.44 -1.75 -5.16
CA GLN A 90 -4.28 -1.09 -4.56
CA GLN A 90 -4.27 -1.10 -4.57
C GLN A 90 -4.10 -1.50 -3.11
C GLN A 90 -4.10 -1.54 -3.12
N GLN A 91 -5.21 -1.65 -2.39
CA GLN A 91 -5.14 -2.13 -1.01
C GLN A 91 -5.82 -3.48 -0.79
N PHE A 92 -5.84 -4.26 -1.87
CA PHE A 92 -6.08 -5.71 -1.83
C PHE A 92 -7.54 -6.09 -1.68
N ASN A 93 -8.22 -5.47 -0.72
CA ASN A 93 -9.64 -5.70 -0.51
C ASN A 93 -9.99 -7.18 -0.41
N LEU A 94 -9.25 -7.90 0.43
CA LEU A 94 -9.53 -9.30 0.72
C LEU A 94 -10.67 -9.41 1.74
N ILE A 95 -11.33 -10.57 1.76
CA ILE A 95 -12.37 -10.85 2.75
C ILE A 95 -11.71 -11.36 4.02
N PRO A 96 -11.85 -10.60 5.12
CA PRO A 96 -11.09 -10.88 6.34
C PRO A 96 -11.32 -12.27 6.92
N LEU A 97 -12.56 -12.77 6.83
CA LEU A 97 -12.87 -14.05 7.46
C LEU A 97 -12.70 -15.28 6.55
N LEU A 98 -12.24 -15.06 5.32
CA LEU A 98 -11.89 -16.17 4.43
C LEU A 98 -10.39 -16.33 4.36
N THR A 99 -9.90 -17.56 4.24
CA THR A 99 -8.49 -17.82 4.07
C THR A 99 -8.03 -17.27 2.72
N ALA A 100 -6.71 -17.21 2.53
CA ALA A 100 -6.13 -16.85 1.23
C ALA A 100 -6.69 -17.73 0.12
N LEU A 101 -6.71 -19.05 0.31
CA LEU A 101 -7.25 -19.94 -0.71
C LEU A 101 -8.72 -19.63 -1.01
N GLU A 102 -9.53 -19.52 0.05
CA GLU A 102 -10.95 -19.23 -0.07
C GLU A 102 -11.22 -17.90 -0.78
N ASN A 103 -10.39 -16.89 -0.48
CA ASN A 103 -10.49 -15.61 -1.17
C ASN A 103 -10.29 -15.73 -2.68
N VAL A 104 -9.38 -16.61 -3.08
CA VAL A 104 -9.14 -16.87 -4.50
C VAL A 104 -10.24 -17.73 -5.12
N GLU A 105 -10.79 -18.67 -4.34
CA GLU A 105 -11.87 -19.52 -4.84
C GLU A 105 -13.14 -18.75 -5.11
N LEU A 106 -13.36 -17.67 -4.36
CA LEU A 106 -14.62 -16.97 -4.34
C LEU A 106 -15.12 -16.57 -5.74
N PRO A 107 -14.25 -15.95 -6.54
CA PRO A 107 -14.66 -15.63 -7.92
C PRO A 107 -15.03 -16.86 -8.75
N LEU A 108 -14.37 -17.99 -8.54
CA LEU A 108 -14.67 -19.21 -9.29
C LEU A 108 -16.08 -19.72 -9.01
N ILE A 109 -16.57 -19.43 -7.81
CA ILE A 109 -17.93 -19.82 -7.43
C ILE A 109 -18.98 -19.08 -8.26
N PHE A 110 -18.72 -17.81 -8.58
CA PHE A 110 -19.72 -16.98 -9.24
C PHE A 110 -19.41 -16.68 -10.69
N LYS A 111 -18.51 -17.44 -11.29
CA LYS A 111 -18.11 -17.20 -12.68
C LYS A 111 -19.32 -17.04 -13.58
N TYR A 112 -20.44 -17.67 -13.20
CA TYR A 112 -21.69 -17.56 -13.95
C TYR A 112 -21.52 -17.95 -15.41
N ARG A 113 -20.68 -18.96 -15.66
CA ARG A 113 -20.41 -19.43 -17.01
C ARG A 113 -20.52 -20.95 -17.08
N GLY A 114 -19.69 -21.63 -16.30
CA GLY A 114 -19.73 -23.08 -16.19
C GLY A 114 -19.31 -23.51 -14.80
N ALA A 115 -19.96 -24.53 -14.26
CA ALA A 115 -19.69 -24.96 -12.89
C ALA A 115 -18.41 -25.78 -12.76
N MET A 116 -17.63 -25.49 -11.71
CA MET A 116 -16.50 -26.33 -11.35
C MET A 116 -16.86 -27.13 -10.12
N SER A 117 -16.31 -28.33 -10.00
CA SER A 117 -16.47 -29.12 -8.79
C SER A 117 -15.60 -28.47 -7.73
N GLY A 118 -15.74 -28.90 -6.48
CA GLY A 118 -14.92 -28.36 -5.41
C GLY A 118 -13.44 -28.63 -5.63
N GLU A 119 -13.13 -29.85 -6.05
CA GLU A 119 -11.74 -30.24 -6.30
C GLU A 119 -11.12 -29.41 -7.42
N GLU A 120 -11.88 -29.20 -8.50
CA GLU A 120 -11.40 -28.42 -9.64
C GLU A 120 -11.15 -26.97 -9.23
N ARG A 121 -12.05 -26.43 -8.41
CA ARG A 121 -11.97 -25.05 -7.93
C ARG A 121 -10.73 -24.86 -7.05
N ARG A 122 -10.52 -25.76 -6.10
CA ARG A 122 -9.36 -25.68 -5.23
C ARG A 122 -8.06 -25.81 -6.02
N LYS A 123 -8.08 -26.67 -7.04
CA LYS A 123 -6.91 -26.89 -7.87
C LYS A 123 -6.57 -25.62 -8.64
N ARG A 124 -7.59 -24.97 -9.20
CA ARG A 124 -7.38 -23.72 -9.94
C ARG A 124 -6.89 -22.61 -9.01
N ALA A 125 -7.52 -22.50 -7.84
CA ALA A 125 -7.10 -21.46 -6.87
C ALA A 125 -5.63 -21.62 -6.48
N LEU A 126 -5.22 -22.86 -6.22
CA LEU A 126 -3.83 -23.14 -5.89
C LEU A 126 -2.88 -22.77 -7.02
N GLU A 127 -3.28 -23.07 -8.25
CA GLU A 127 -2.47 -22.72 -9.41
C GLU A 127 -2.24 -21.21 -9.48
N CYS A 128 -3.28 -20.46 -9.13
CA CYS A 128 -3.19 -19.00 -9.17
C CYS A 128 -2.29 -18.46 -8.07
N LEU A 129 -2.38 -19.05 -6.89
CA LEU A 129 -1.47 -18.66 -5.80
C LEU A 129 -0.01 -18.91 -6.15
N LYS A 130 0.25 -20.04 -6.81
CA LYS A 130 1.59 -20.36 -7.30
C LYS A 130 2.05 -19.38 -8.36
N MET A 131 1.17 -19.04 -9.30
CA MET A 131 1.48 -18.03 -10.31
C MET A 131 1.82 -16.68 -9.68
N ALA A 132 1.12 -16.36 -8.60
CA ALA A 132 1.30 -15.10 -7.88
C ALA A 132 2.44 -15.20 -6.86
N GLU A 133 3.21 -16.28 -6.92
CA GLU A 133 4.43 -16.43 -6.10
C GLU A 133 4.17 -16.46 -4.60
N LEU A 134 3.01 -16.98 -4.20
CA LEU A 134 2.73 -17.18 -2.79
C LEU A 134 2.92 -18.64 -2.45
N GLU A 135 3.76 -18.90 -1.45
CA GLU A 135 4.07 -20.26 -1.02
C GLU A 135 2.81 -20.97 -0.55
N GLU A 136 2.69 -22.24 -0.91
CA GLU A 136 1.50 -23.02 -0.60
C GLU A 136 1.19 -23.03 0.90
N ARG A 137 2.22 -22.88 1.73
CA ARG A 137 2.03 -22.94 3.17
C ARG A 137 1.24 -21.75 3.72
N PHE A 138 1.04 -20.72 2.90
CA PHE A 138 0.27 -19.56 3.34
C PHE A 138 -1.17 -19.65 2.89
N ALA A 139 -1.50 -20.71 2.14
CA ALA A 139 -2.83 -20.86 1.57
C ALA A 139 -3.94 -20.86 2.62
N ASN A 140 -3.63 -21.32 3.83
CA ASN A 140 -4.65 -21.41 4.88
C ASN A 140 -4.65 -20.24 5.88
N HIS A 141 -3.73 -19.31 5.70
CA HIS A 141 -3.71 -18.10 6.51
C HIS A 141 -4.92 -17.24 6.13
N LYS A 142 -5.48 -16.53 7.10
CA LYS A 142 -6.41 -15.46 6.79
C LYS A 142 -5.61 -14.18 6.52
N PRO A 143 -6.27 -13.16 5.93
CA PRO A 143 -5.53 -11.94 5.57
C PRO A 143 -4.79 -11.29 6.75
N ASN A 144 -5.43 -11.25 7.93
CA ASN A 144 -4.80 -10.65 9.11
C ASN A 144 -3.57 -11.40 9.59
N GLN A 145 -3.33 -12.57 9.02
CA GLN A 145 -2.18 -13.39 9.40
C GLN A 145 -1.11 -13.38 8.32
N LEU A 146 -1.24 -12.46 7.35
CA LEU A 146 -0.28 -12.38 6.25
C LEU A 146 0.35 -10.99 6.23
N SER A 147 1.60 -10.91 5.76
CA SER A 147 2.25 -9.61 5.58
C SER A 147 1.58 -8.84 4.43
N GLY A 148 1.86 -7.54 4.31
CA GLY A 148 1.27 -6.75 3.26
C GLY A 148 1.51 -7.35 1.87
N GLY A 149 2.77 -7.71 1.62
CA GLY A 149 3.16 -8.31 0.35
C GLY A 149 2.57 -9.69 0.08
N GLN A 150 2.33 -10.45 1.14
CA GLN A 150 1.65 -11.74 0.97
C GLN A 150 0.19 -11.51 0.59
N GLN A 151 -0.44 -10.55 1.26
CA GLN A 151 -1.79 -10.16 0.91
C GLN A 151 -1.86 -9.67 -0.53
N GLN A 152 -0.84 -8.93 -0.97
CA GLN A 152 -0.85 -8.43 -2.34
C GLN A 152 -0.88 -9.58 -3.34
N ARG A 153 -0.10 -10.62 -3.05
CA ARG A 153 -0.09 -11.80 -3.92
C ARG A 153 -1.40 -12.57 -3.92
N VAL A 154 -2.08 -12.61 -2.78
CA VAL A 154 -3.44 -13.16 -2.75
C VAL A 154 -4.35 -12.35 -3.68
N ALA A 155 -4.22 -11.01 -3.64
CA ALA A 155 -5.06 -10.16 -4.48
C ALA A 155 -4.76 -10.42 -5.94
N ILE A 156 -3.48 -10.60 -6.25
CA ILE A 156 -3.10 -10.92 -7.63
C ILE A 156 -3.67 -12.27 -8.06
N ALA A 157 -3.48 -13.29 -7.22
CA ALA A 157 -4.04 -14.61 -7.53
C ALA A 157 -5.55 -14.56 -7.77
N ARG A 158 -6.27 -13.81 -6.96
CA ARG A 158 -7.72 -13.73 -7.11
C ARG A 158 -8.10 -13.13 -8.46
N ALA A 159 -7.35 -12.11 -8.87
CA ALA A 159 -7.61 -11.47 -10.16
C ALA A 159 -7.47 -12.46 -11.31
N LEU A 160 -6.54 -13.40 -11.19
CA LEU A 160 -6.30 -14.37 -12.25
C LEU A 160 -7.26 -15.55 -12.25
N ALA A 161 -7.99 -15.72 -11.16
CA ALA A 161 -8.75 -16.95 -10.93
C ALA A 161 -9.64 -17.36 -12.11
N ASN A 162 -10.51 -16.45 -12.54
CA ASN A 162 -11.48 -16.73 -13.61
C ASN A 162 -10.88 -16.65 -15.01
N ASN A 163 -9.55 -16.56 -15.09
CA ASN A 163 -8.85 -16.46 -16.37
C ASN A 163 -9.43 -15.39 -17.29
N PRO A 164 -9.58 -14.17 -16.78
CA PRO A 164 -10.22 -13.15 -17.60
C PRO A 164 -9.30 -12.64 -18.71
N PRO A 165 -9.89 -12.13 -19.79
CA PRO A 165 -9.08 -11.60 -20.90
C PRO A 165 -8.37 -10.30 -20.56
N ILE A 166 -8.92 -9.54 -19.60
CA ILE A 166 -8.35 -8.24 -19.24
C ILE A 166 -7.87 -8.27 -17.78
N ILE A 167 -6.62 -7.86 -17.56
CA ILE A 167 -6.07 -7.72 -16.21
C ILE A 167 -5.81 -6.25 -15.92
N LEU A 168 -6.40 -5.75 -14.85
CA LEU A 168 -6.22 -4.38 -14.44
C LEU A 168 -5.55 -4.41 -13.07
N ALA A 169 -4.35 -3.86 -12.98
CA ALA A 169 -3.55 -3.98 -11.76
C ALA A 169 -3.19 -2.61 -11.23
N ASP A 170 -3.65 -2.31 -10.03
CA ASP A 170 -3.35 -1.03 -9.41
C ASP A 170 -2.13 -1.17 -8.49
N GLN A 171 -0.95 -0.80 -9.01
CA GLN A 171 0.28 -0.83 -8.23
C GLN A 171 0.57 -2.22 -7.65
N PRO A 172 0.58 -3.24 -8.52
CA PRO A 172 0.58 -4.64 -8.06
C PRO A 172 1.90 -5.12 -7.43
N THR A 173 2.92 -4.26 -7.41
CA THR A 173 4.21 -4.66 -6.83
C THR A 173 4.60 -3.80 -5.62
N TRP A 174 3.71 -2.93 -5.19
CA TRP A 174 4.14 -1.91 -4.23
C TRP A 174 4.64 -2.52 -2.92
N ALA A 175 4.03 -3.61 -2.51
CA ALA A 175 4.36 -4.20 -1.21
C ALA A 175 5.38 -5.32 -1.34
N LEU A 176 5.99 -5.43 -2.52
CA LEU A 176 6.93 -6.50 -2.81
C LEU A 176 8.35 -5.98 -2.92
N ASP A 177 9.31 -6.76 -2.44
CA ASP A 177 10.71 -6.48 -2.65
C ASP A 177 10.98 -6.63 -4.14
N SER A 178 12.11 -6.10 -4.59
CA SER A 178 12.43 -6.06 -6.01
C SER A 178 12.37 -7.40 -6.72
N LYS A 179 12.91 -8.44 -6.11
CA LYS A 179 12.99 -9.75 -6.76
C LYS A 179 11.62 -10.38 -6.97
N THR A 180 10.77 -10.30 -5.94
CA THR A 180 9.45 -10.87 -6.00
C THR A 180 8.57 -10.08 -6.96
N GLY A 181 8.67 -8.76 -6.91
CA GLY A 181 7.97 -7.91 -7.85
C GLY A 181 8.36 -8.22 -9.28
N GLU A 182 9.63 -8.50 -9.50
CA GLU A 182 10.08 -8.84 -10.85
C GLU A 182 9.41 -10.13 -11.36
N LYS A 183 9.27 -11.11 -10.48
CA LYS A 183 8.55 -12.33 -10.84
C LYS A 183 7.10 -12.04 -11.25
N ILE A 184 6.43 -11.18 -10.51
CA ILE A 184 5.07 -10.77 -10.84
C ILE A 184 5.04 -10.12 -12.22
N MET A 185 6.00 -9.23 -12.50
CA MET A 185 5.99 -8.57 -13.80
C MET A 185 6.29 -9.56 -14.94
N GLN A 186 7.15 -10.53 -14.68
CA GLN A 186 7.41 -11.56 -15.71
C GLN A 186 6.15 -12.38 -15.96
N LEU A 187 5.36 -12.62 -14.92
CA LEU A 187 4.09 -13.32 -15.08
C LEU A 187 3.13 -12.53 -15.98
N LEU A 188 3.00 -11.24 -15.71
CA LEU A 188 2.12 -10.40 -16.54
C LEU A 188 2.60 -10.39 -18.00
N LYS A 189 3.92 -10.32 -18.18
CA LYS A 189 4.50 -10.38 -19.52
C LYS A 189 4.09 -11.69 -20.21
N LYS A 190 4.23 -12.80 -19.50
CA LYS A 190 3.87 -14.13 -20.03
C LYS A 190 2.39 -14.23 -20.37
N LEU A 191 1.52 -13.80 -19.46
CA LEU A 191 0.09 -13.85 -19.74
C LEU A 191 -0.25 -12.97 -20.95
N ASN A 192 0.41 -11.83 -21.04
CA ASN A 192 0.20 -10.89 -22.13
C ASN A 192 0.63 -11.49 -23.47
N GLU A 193 1.87 -11.98 -23.51
CA GLU A 193 2.46 -12.43 -24.78
C GLU A 193 2.00 -13.83 -25.18
N GLU A 194 1.99 -14.76 -24.24
CA GLU A 194 1.64 -16.14 -24.55
C GLU A 194 0.14 -16.38 -24.57
N ASP A 195 -0.59 -15.67 -23.73
CA ASP A 195 -2.01 -15.92 -23.58
C ASP A 195 -2.88 -14.83 -24.20
N GLY A 196 -2.23 -13.77 -24.68
CA GLY A 196 -2.93 -12.68 -25.33
C GLY A 196 -3.79 -11.82 -24.42
N LYS A 197 -3.51 -11.83 -23.13
CA LYS A 197 -4.27 -11.00 -22.21
C LYS A 197 -3.97 -9.53 -22.43
N THR A 198 -5.00 -8.70 -22.28
CA THR A 198 -4.87 -7.25 -22.27
C THR A 198 -4.49 -6.85 -20.86
N VAL A 199 -3.38 -6.13 -20.68
CA VAL A 199 -2.86 -5.82 -19.35
C VAL A 199 -2.70 -4.34 -19.14
N VAL A 200 -3.30 -3.81 -18.07
CA VAL A 200 -3.17 -2.39 -17.78
C VAL A 200 -2.64 -2.25 -16.36
N VAL A 201 -1.46 -1.62 -16.21
CA VAL A 201 -0.85 -1.49 -14.89
C VAL A 201 -0.69 -0.03 -14.51
N VAL A 202 -1.23 0.34 -13.35
CA VAL A 202 -0.92 1.63 -12.76
C VAL A 202 0.30 1.46 -11.87
N THR A 203 1.26 2.37 -11.95
CA THR A 203 2.46 2.17 -11.15
C THR A 203 3.20 3.47 -10.93
N HIS A 204 4.00 3.50 -9.86
CA HIS A 204 4.93 4.61 -9.62
C HIS A 204 6.38 4.20 -9.86
N ASP A 205 6.57 2.94 -10.21
CA ASP A 205 7.89 2.36 -10.43
C ASP A 205 8.21 2.34 -11.92
N ILE A 206 9.10 3.23 -12.36
CA ILE A 206 9.40 3.30 -13.80
C ILE A 206 9.85 1.94 -14.32
N ASN A 207 10.52 1.16 -13.47
CA ASN A 207 10.97 -0.16 -13.89
C ASN A 207 9.82 -1.12 -14.17
N VAL A 208 8.75 -0.98 -13.37
CA VAL A 208 7.54 -1.75 -13.60
C VAL A 208 6.87 -1.29 -14.90
N ALA A 209 6.79 0.02 -15.10
CA ALA A 209 6.07 0.57 -16.25
C ALA A 209 6.74 0.13 -17.54
N ARG A 210 8.05 -0.12 -17.47
CA ARG A 210 8.81 -0.48 -18.65
C ARG A 210 8.49 -1.86 -19.23
N PHE A 211 7.66 -2.64 -18.52
CA PHE A 211 7.17 -3.89 -19.08
C PHE A 211 6.07 -3.66 -20.11
N GLY A 212 5.52 -2.45 -20.11
CA GLY A 212 4.43 -2.13 -21.03
C GLY A 212 4.93 -1.76 -22.41
N GLU A 213 4.06 -1.86 -23.41
CA GLU A 213 4.40 -1.43 -24.76
C GLU A 213 4.46 0.08 -24.85
N ARG A 214 3.73 0.73 -23.94
CA ARG A 214 3.72 2.18 -23.86
C ARG A 214 3.32 2.60 -22.45
N ILE A 215 3.61 3.85 -22.12
CA ILE A 215 3.27 4.42 -20.81
C ILE A 215 2.42 5.65 -21.04
N ILE A 216 1.24 5.65 -20.44
CA ILE A 216 0.35 6.80 -20.46
C ILE A 216 0.54 7.60 -19.18
N TYR A 217 0.81 8.90 -19.32
CA TYR A 217 1.03 9.76 -18.17
C TYR A 217 -0.16 10.66 -17.93
N LEU A 218 -0.70 10.64 -16.71
CA LEU A 218 -1.78 11.53 -16.32
C LEU A 218 -1.21 12.70 -15.53
N LYS A 219 -1.93 13.82 -15.56
CA LYS A 219 -1.58 14.99 -14.78
C LYS A 219 -2.83 15.81 -14.57
N ASP A 220 -3.17 16.05 -13.31
CA ASP A 220 -4.38 16.81 -12.97
C ASP A 220 -5.65 16.35 -13.70
N GLY A 221 -5.81 15.03 -13.83
CA GLY A 221 -7.04 14.48 -14.38
C GLY A 221 -7.09 14.34 -15.89
N GLU A 222 -5.98 14.67 -16.55
CA GLU A 222 -5.92 14.59 -18.01
C GLU A 222 -4.71 13.78 -18.49
N VAL A 223 -4.84 13.19 -19.66
CA VAL A 223 -3.71 12.51 -20.30
C VAL A 223 -2.67 13.54 -20.73
N GLU A 224 -1.53 13.57 -20.03
CA GLU A 224 -0.48 14.53 -20.33
C GLU A 224 0.28 14.14 -21.60
N ARG A 225 0.67 12.88 -21.69
CA ARG A 225 1.48 12.39 -22.80
C ARG A 225 1.54 10.88 -22.80
N GLU A 226 2.02 10.30 -23.90
CA GLU A 226 2.30 8.87 -23.97
C GLU A 226 3.73 8.66 -24.44
N GLU A 227 4.37 7.64 -23.89
CA GLU A 227 5.69 7.24 -24.35
C GLU A 227 5.63 5.83 -24.89
N LYS A 228 5.94 5.69 -26.18
CA LYS A 228 6.01 4.37 -26.80
C LYS A 228 7.34 3.73 -26.45
N LEU A 229 7.32 2.45 -26.09
CA LEU A 229 8.52 1.80 -25.57
C LEU A 229 9.15 0.78 -26.54
N ARG A 230 8.37 0.24 -27.46
CA ARG A 230 8.88 -0.84 -28.30
C ARG A 230 8.92 -0.48 -29.78
N MET B 1 18.48 4.55 22.55
CA MET B 1 17.11 5.05 22.43
C MET B 1 16.13 3.92 22.15
N VAL B 2 16.57 2.92 21.39
CA VAL B 2 15.77 1.72 21.20
C VAL B 2 16.66 0.49 21.29
N LYS B 3 16.31 -0.42 22.18
CA LYS B 3 17.08 -1.66 22.28
C LYS B 3 16.18 -2.88 22.25
N LEU B 4 16.50 -3.81 21.35
CA LEU B 4 15.88 -5.12 21.36
C LEU B 4 16.96 -6.11 21.79
N LYS B 5 16.66 -6.90 22.81
CA LYS B 5 17.63 -7.87 23.33
C LYS B 5 17.06 -9.26 23.30
N ASN B 6 17.65 -10.12 22.48
CA ASN B 6 17.20 -11.50 22.31
C ASN B 6 15.70 -11.57 22.10
N VAL B 7 15.19 -10.69 21.24
CA VAL B 7 13.76 -10.61 20.99
C VAL B 7 13.29 -11.68 20.02
N THR B 8 12.27 -12.41 20.44
CA THR B 8 11.61 -13.40 19.59
C THR B 8 10.11 -13.15 19.57
N LYS B 9 9.51 -13.31 18.38
CA LYS B 9 8.07 -13.20 18.21
C LYS B 9 7.56 -14.40 17.42
N THR B 10 6.72 -15.21 18.04
CA THR B 10 6.16 -16.38 17.37
C THR B 10 4.64 -16.32 17.24
N TYR B 11 4.12 -17.09 16.30
CA TYR B 11 2.70 -17.31 16.12
C TYR B 11 2.44 -18.81 15.99
N LYS B 12 1.37 -19.28 16.59
CA LYS B 12 0.99 -20.69 16.49
C LYS B 12 -0.04 -20.87 15.38
N MET B 13 0.33 -21.60 14.33
CA MET B 13 -0.57 -21.87 13.22
C MET B 13 -0.83 -23.36 13.08
N GLY B 14 -1.77 -23.87 13.87
CA GLY B 14 -2.01 -25.30 13.93
C GLY B 14 -1.11 -25.91 14.99
N GLU B 15 -0.39 -26.96 14.63
CA GLU B 15 0.61 -27.53 15.54
C GLU B 15 1.98 -26.95 15.25
N GLU B 16 2.04 -26.01 14.30
CA GLU B 16 3.30 -25.40 13.93
C GLU B 16 3.52 -24.02 14.55
N ILE B 17 4.69 -23.82 15.13
CA ILE B 17 5.09 -22.53 15.65
C ILE B 17 5.93 -21.75 14.64
N ILE B 18 5.45 -20.57 14.25
CA ILE B 18 6.13 -19.71 13.27
C ILE B 18 6.94 -18.63 13.97
N TYR B 19 8.16 -18.40 13.49
CA TYR B 19 9.00 -17.34 14.03
C TYR B 19 9.00 -16.11 13.11
N ALA B 20 8.23 -15.09 13.50
CA ALA B 20 8.23 -13.80 12.81
C ALA B 20 9.57 -13.09 13.00
N LEU B 21 10.07 -13.14 14.23
CA LEU B 21 11.41 -12.69 14.56
C LEU B 21 12.01 -13.76 15.45
N LYS B 22 13.34 -13.92 15.38
CA LYS B 22 14.01 -14.98 16.11
C LYS B 22 15.33 -14.52 16.68
N ASN B 23 15.39 -14.42 18.01
CA ASN B 23 16.61 -14.04 18.71
C ASN B 23 17.33 -12.83 18.12
N VAL B 24 16.58 -11.78 17.83
CA VAL B 24 17.17 -10.57 17.24
C VAL B 24 17.74 -9.63 18.28
N ASN B 25 18.89 -9.02 17.96
CA ASN B 25 19.50 -8.03 18.82
C ASN B 25 19.75 -6.74 18.06
N LEU B 26 19.22 -5.64 18.57
CA LEU B 26 19.29 -4.38 17.87
C LEU B 26 19.44 -3.23 18.84
N ASN B 27 20.36 -2.32 18.54
CA ASN B 27 20.52 -1.10 19.33
C ASN B 27 20.50 0.12 18.43
N ILE B 28 19.49 0.96 18.62
CA ILE B 28 19.37 2.17 17.84
C ILE B 28 19.62 3.37 18.74
N LYS B 29 20.67 4.12 18.43
CA LYS B 29 21.05 5.27 19.23
C LYS B 29 20.04 6.41 19.09
N GLU B 30 19.92 7.24 20.13
CA GLU B 30 19.16 8.46 20.02
C GLU B 30 19.65 9.27 18.82
N GLY B 31 18.71 9.74 18.01
CA GLY B 31 19.02 10.59 16.87
C GLY B 31 19.59 9.88 15.66
N GLU B 32 19.62 8.55 15.69
CA GLU B 32 20.10 7.78 14.56
C GLU B 32 18.99 7.70 13.52
N PHE B 33 19.39 7.60 12.26
CA PHE B 33 18.46 7.33 11.16
C PHE B 33 18.79 5.94 10.65
N VAL B 34 17.86 4.99 10.81
CA VAL B 34 18.12 3.61 10.45
C VAL B 34 17.07 3.09 9.47
N SER B 35 17.52 2.34 8.47
CA SER B 35 16.61 1.74 7.48
C SER B 35 16.57 0.24 7.71
N ILE B 36 15.43 -0.36 7.40
CA ILE B 36 15.25 -1.80 7.50
C ILE B 36 14.72 -2.29 6.17
N MET B 37 15.36 -3.30 5.60
CA MET B 37 14.94 -3.86 4.33
C MET B 37 14.91 -5.37 4.44
N GLY B 38 14.28 -6.02 3.48
CA GLY B 38 14.25 -7.47 3.48
C GLY B 38 13.05 -7.99 2.73
N PRO B 39 13.06 -9.28 2.38
CA PRO B 39 11.98 -9.88 1.59
C PRO B 39 10.61 -9.76 2.24
N SER B 40 9.58 -9.72 1.40
CA SER B 40 8.21 -9.71 1.89
C SER B 40 8.10 -10.85 2.90
N GLY B 41 7.59 -10.53 4.09
CA GLY B 41 7.41 -11.53 5.13
C GLY B 41 8.62 -11.85 6.00
N SER B 42 9.69 -11.07 5.89
CA SER B 42 10.93 -11.36 6.62
C SER B 42 10.92 -10.90 8.08
N GLY B 43 9.90 -10.13 8.48
CA GLY B 43 9.78 -9.71 9.86
C GLY B 43 9.95 -8.23 10.12
N LYS B 44 9.90 -7.42 9.07
CA LYS B 44 10.12 -5.98 9.20
C LYS B 44 9.02 -5.26 9.99
N SER B 45 7.77 -5.51 9.60
CA SER B 45 6.66 -4.90 10.31
C SER B 45 6.62 -5.37 11.75
N THR B 46 6.84 -6.65 11.95
CA THR B 46 6.89 -7.17 13.32
C THR B 46 7.94 -6.41 14.12
N MET B 47 9.11 -6.22 13.52
CA MET B 47 10.18 -5.49 14.23
C MET B 47 9.76 -4.06 14.55
N LEU B 48 9.15 -3.38 13.58
CA LEU B 48 8.77 -2.00 13.77
C LEU B 48 7.63 -1.90 14.80
N ASN B 49 6.72 -2.87 14.79
CA ASN B 49 5.60 -2.91 15.72
C ASN B 49 6.06 -3.07 17.16
N ILE B 50 7.07 -3.91 17.34
CA ILE B 50 7.64 -4.11 18.66
C ILE B 50 8.38 -2.86 19.12
N ILE B 51 9.20 -2.27 18.25
CA ILE B 51 9.84 -1.03 18.58
C ILE B 51 8.81 0.03 18.95
N GLY B 52 7.70 0.03 18.22
CA GLY B 52 6.68 1.04 18.40
C GLY B 52 5.71 0.74 19.54
N CYS B 53 5.98 -0.29 20.32
CA CYS B 53 5.13 -0.63 21.46
C CYS B 53 3.68 -1.02 21.08
N LEU B 54 3.50 -1.46 19.84
CA LEU B 54 2.20 -1.89 19.34
C LEU B 54 2.03 -3.40 19.53
N ASP B 55 3.13 -4.07 19.80
CA ASP B 55 3.13 -5.51 20.00
C ASP B 55 4.28 -5.85 20.95
N LYS B 56 4.17 -6.99 21.63
CA LYS B 56 5.18 -7.41 22.61
C LYS B 56 5.93 -8.63 22.07
N PRO B 57 7.20 -8.75 22.45
CA PRO B 57 7.91 -9.95 21.99
C PRO B 57 7.36 -11.18 22.70
N THR B 58 7.56 -12.35 22.13
CA THR B 58 7.18 -13.59 22.79
C THR B 58 8.22 -13.85 23.87
N GLU B 59 9.46 -13.46 23.58
CA GLU B 59 10.56 -13.58 24.52
C GLU B 59 11.56 -12.46 24.24
N GLY B 60 12.33 -12.08 25.25
CA GLY B 60 13.33 -11.05 25.08
C GLY B 60 12.90 -9.74 25.71
N GLU B 61 13.78 -8.74 25.67
CA GLU B 61 13.52 -7.44 26.28
C GLU B 61 13.53 -6.30 25.26
N VAL B 62 12.65 -5.33 25.49
CA VAL B 62 12.62 -4.11 24.69
C VAL B 62 12.79 -2.91 25.61
N TYR B 63 13.64 -1.97 25.20
CA TYR B 63 13.84 -0.74 25.94
C TYR B 63 13.66 0.47 25.03
N ILE B 64 12.79 1.39 25.44
CA ILE B 64 12.56 2.63 24.70
C ILE B 64 12.91 3.83 25.57
N ASP B 65 13.89 4.61 25.14
CA ASP B 65 14.29 5.78 25.88
C ASP B 65 14.60 5.36 27.32
N ASN B 66 15.30 4.23 27.45
CA ASN B 66 15.69 3.69 28.75
C ASN B 66 14.60 2.87 29.47
N ILE B 67 13.34 3.11 29.12
CA ILE B 67 12.24 2.41 29.76
C ILE B 67 12.08 1.01 29.22
N LYS B 68 12.02 0.03 30.11
CA LYS B 68 11.71 -1.34 29.71
C LYS B 68 10.22 -1.43 29.43
N THR B 69 9.86 -1.87 28.24
CA THR B 69 8.46 -1.86 27.82
C THR B 69 7.83 -3.25 27.74
N ASN B 70 8.66 -4.29 27.58
CA ASN B 70 8.15 -5.62 27.26
C ASN B 70 7.29 -6.25 28.34
N ASP B 71 7.28 -5.67 29.54
CA ASP B 71 6.46 -6.20 30.64
C ASP B 71 5.36 -5.23 31.06
N LEU B 72 5.15 -4.18 30.27
CA LEU B 72 4.12 -3.19 30.59
C LEU B 72 2.76 -3.64 30.08
N ASP B 73 1.70 -3.12 30.69
CA ASP B 73 0.35 -3.44 30.25
C ASP B 73 -0.08 -2.60 29.06
N ASP B 74 -1.17 -3.01 28.41
CA ASP B 74 -1.72 -2.27 27.28
C ASP B 74 -1.86 -0.78 27.58
N ASP B 75 -2.46 -0.47 28.73
CA ASP B 75 -2.63 0.91 29.18
C ASP B 75 -1.29 1.64 29.29
N GLU B 76 -0.33 0.99 29.93
CA GLU B 76 0.98 1.60 30.15
C GLU B 76 1.73 1.85 28.82
N LEU B 77 1.73 0.85 27.94
CA LEU B 77 2.39 0.97 26.63
C LEU B 77 1.80 2.09 25.79
N THR B 78 0.49 2.30 25.94
CA THR B 78 -0.20 3.32 25.18
C THR B 78 0.28 4.70 25.57
N LYS B 79 0.52 4.88 26.86
CA LYS B 79 1.01 6.15 27.36
C LYS B 79 2.42 6.45 26.85
N ILE B 80 3.25 5.42 26.76
CA ILE B 80 4.59 5.58 26.20
C ILE B 80 4.50 5.87 24.70
N ARG B 81 3.69 5.10 23.99
CA ARG B 81 3.47 5.32 22.56
C ARG B 81 3.05 6.75 22.26
N ARG B 82 2.02 7.22 22.98
CA ARG B 82 1.49 8.56 22.75
C ARG B 82 2.54 9.65 22.94
N ASP B 83 3.44 9.44 23.90
CA ASP B 83 4.49 10.41 24.19
C ASP B 83 5.68 10.32 23.24
N LYS B 84 6.13 9.10 22.97
CA LYS B 84 7.47 8.94 22.38
C LYS B 84 7.52 8.56 20.90
N ILE B 85 6.40 8.12 20.36
CA ILE B 85 6.39 7.49 19.03
C ILE B 85 5.39 8.10 18.06
N GLY B 86 5.87 8.40 16.86
CA GLY B 86 4.99 8.70 15.74
C GLY B 86 5.12 7.54 14.76
N PHE B 87 4.01 6.88 14.45
CA PHE B 87 4.04 5.65 13.66
C PHE B 87 3.29 5.82 12.35
N VAL B 88 3.98 5.56 11.24
CA VAL B 88 3.34 5.58 9.92
C VAL B 88 3.05 4.15 9.51
N PHE B 89 1.77 3.77 9.51
CA PHE B 89 1.40 2.40 9.20
C PHE B 89 1.49 2.09 7.72
N GLN B 90 1.85 0.85 7.40
CA GLN B 90 1.96 0.41 6.01
C GLN B 90 0.66 0.63 5.24
N GLN B 91 -0.46 0.32 5.87
CA GLN B 91 -1.73 0.61 5.21
C GLN B 91 -2.52 1.75 5.86
N PHE B 92 -1.79 2.68 6.48
CA PHE B 92 -2.31 3.97 6.94
C PHE B 92 -3.14 3.93 8.22
N ASN B 93 -4.13 3.04 8.26
CA ASN B 93 -4.98 2.95 9.45
C ASN B 93 -5.58 4.28 9.86
N LEU B 94 -6.20 4.96 8.90
CA LEU B 94 -6.90 6.21 9.18
C LEU B 94 -8.30 5.93 9.68
N ILE B 95 -8.92 6.93 10.30
CA ILE B 95 -10.29 6.75 10.79
C ILE B 95 -11.26 7.27 9.73
N PRO B 96 -12.13 6.38 9.21
CA PRO B 96 -12.97 6.61 8.03
C PRO B 96 -13.91 7.80 8.10
N LEU B 97 -14.54 8.04 9.25
CA LEU B 97 -15.54 9.12 9.32
C LEU B 97 -14.96 10.47 9.72
N LEU B 98 -13.64 10.53 9.94
CA LEU B 98 -12.97 11.80 10.22
C LEU B 98 -12.28 12.35 8.98
N THR B 99 -12.30 13.67 8.82
CA THR B 99 -11.56 14.30 7.73
C THR B 99 -10.07 14.07 7.90
N ALA B 100 -9.30 14.38 6.86
CA ALA B 100 -7.84 14.31 6.94
C ALA B 100 -7.33 15.13 8.12
N LEU B 101 -7.82 16.36 8.24
CA LEU B 101 -7.40 17.24 9.33
C LEU B 101 -7.74 16.60 10.67
N GLU B 102 -8.94 16.07 10.80
CA GLU B 102 -9.37 15.51 12.08
C GLU B 102 -8.54 14.28 12.44
N ASN B 103 -8.23 13.46 11.46
CA ASN B 103 -7.36 12.32 11.66
C ASN B 103 -6.03 12.75 12.25
N VAL B 104 -5.53 13.90 11.80
CA VAL B 104 -4.24 14.36 12.25
C VAL B 104 -4.30 14.93 13.66
N GLU B 105 -5.43 15.54 14.00
CA GLU B 105 -5.63 16.14 15.33
C GLU B 105 -5.71 15.11 16.47
N LEU B 106 -6.06 13.87 16.16
CA LEU B 106 -6.29 12.89 17.21
C LEU B 106 -5.09 12.66 18.13
N PRO B 107 -3.94 12.27 17.56
CA PRO B 107 -2.73 12.03 18.35
C PRO B 107 -2.20 13.31 18.99
N LEU B 108 -2.44 14.43 18.33
CA LEU B 108 -2.06 15.72 18.86
C LEU B 108 -2.75 15.93 20.19
N ILE B 109 -4.07 15.75 20.18
CA ILE B 109 -4.89 15.92 21.37
C ILE B 109 -4.75 14.82 22.42
N PHE B 110 -4.58 13.58 22.00
CA PHE B 110 -4.37 12.49 22.95
C PHE B 110 -3.09 12.70 23.79
N LYS B 111 -2.03 13.22 23.17
CA LYS B 111 -0.77 13.45 23.90
C LYS B 111 -0.78 14.75 24.69
N TYR B 112 -1.32 15.81 24.07
CA TYR B 112 -1.33 17.13 24.69
C TYR B 112 -2.09 17.09 26.01
N ARG B 113 -1.40 17.39 27.11
CA ARG B 113 -1.99 17.26 28.44
C ARG B 113 -3.10 18.28 28.71
N GLY B 114 -2.96 19.48 28.17
CA GLY B 114 -3.86 20.58 28.49
C GLY B 114 -5.12 20.62 27.66
N ALA B 115 -5.77 21.78 27.63
CA ALA B 115 -6.96 21.98 26.82
C ALA B 115 -6.61 22.87 25.64
N MET B 116 -6.56 22.27 24.45
CA MET B 116 -6.16 23.02 23.26
C MET B 116 -7.36 23.63 22.54
N SER B 117 -7.24 24.90 22.19
CA SER B 117 -8.31 25.63 21.51
C SER B 117 -8.62 25.05 20.14
N GLY B 118 -9.90 25.08 19.78
CA GLY B 118 -10.34 24.57 18.49
C GLY B 118 -9.60 25.19 17.32
N GLU B 119 -9.25 26.47 17.47
CA GLU B 119 -8.53 27.17 16.41
C GLU B 119 -7.07 26.70 16.34
N GLU B 120 -6.46 26.40 17.48
CA GLU B 120 -5.07 25.95 17.48
C GLU B 120 -4.94 24.46 17.15
N ARG B 121 -5.99 23.69 17.39
CA ARG B 121 -6.03 22.31 16.93
C ARG B 121 -5.84 22.33 15.41
N ARG B 122 -6.69 23.08 14.73
CA ARG B 122 -6.62 23.21 13.28
C ARG B 122 -5.25 23.72 12.81
N LYS B 123 -4.71 24.69 13.54
CA LYS B 123 -3.44 25.29 13.17
C LYS B 123 -2.28 24.28 13.13
N ARG B 124 -2.12 23.50 14.19
CA ARG B 124 -0.99 22.58 14.27
C ARG B 124 -1.18 21.43 13.29
N ALA B 125 -2.42 20.98 13.15
CA ALA B 125 -2.76 19.89 12.23
C ALA B 125 -2.51 20.28 10.77
N LEU B 126 -2.80 21.53 10.41
CA LEU B 126 -2.56 21.99 9.06
C LEU B 126 -1.06 22.06 8.78
N GLU B 127 -0.29 22.43 9.80
CA GLU B 127 1.14 22.53 9.64
C GLU B 127 1.72 21.14 9.42
N CYS B 128 1.12 20.15 10.08
CA CYS B 128 1.58 18.77 9.91
C CYS B 128 1.29 18.29 8.49
N LEU B 129 0.10 18.62 7.99
CA LEU B 129 -0.29 18.26 6.63
C LEU B 129 0.62 18.90 5.58
N LYS B 130 1.05 20.14 5.85
CA LYS B 130 1.93 20.84 4.92
C LYS B 130 3.32 20.21 4.91
N MET B 131 3.83 19.88 6.08
CA MET B 131 5.09 19.15 6.16
C MET B 131 5.00 17.85 5.37
N ALA B 132 3.85 17.16 5.48
CA ALA B 132 3.65 15.90 4.77
C ALA B 132 3.32 16.10 3.28
N GLU B 133 3.48 17.33 2.79
CA GLU B 133 3.31 17.61 1.37
C GLU B 133 1.90 17.33 0.82
N LEU B 134 0.89 17.48 1.66
CA LEU B 134 -0.49 17.38 1.19
C LEU B 134 -1.11 18.77 1.09
N GLU B 135 -1.69 19.07 -0.07
CA GLU B 135 -2.29 20.38 -0.31
C GLU B 135 -3.43 20.68 0.68
N GLU B 136 -3.48 21.93 1.16
CA GLU B 136 -4.50 22.32 2.13
C GLU B 136 -5.92 22.04 1.64
N ARG B 137 -6.13 22.09 0.33
CA ARG B 137 -7.47 21.85 -0.23
C ARG B 137 -7.99 20.44 0.07
N PHE B 138 -7.12 19.57 0.57
CA PHE B 138 -7.52 18.19 0.87
C PHE B 138 -7.81 17.94 2.36
N ALA B 139 -7.55 18.94 3.19
CA ALA B 139 -7.73 18.81 4.64
C ALA B 139 -9.13 18.32 5.05
N ASN B 140 -10.15 18.77 4.33
CA ASN B 140 -11.52 18.44 4.70
C ASN B 140 -12.05 17.19 4.00
N HIS B 141 -11.20 16.54 3.20
CA HIS B 141 -11.57 15.25 2.62
C HIS B 141 -11.49 14.15 3.67
N LYS B 142 -12.39 13.18 3.58
CA LYS B 142 -12.30 11.98 4.38
C LYS B 142 -11.42 10.97 3.64
N PRO B 143 -10.87 9.98 4.36
CA PRO B 143 -9.94 9.02 3.74
C PRO B 143 -10.47 8.42 2.44
N ASN B 144 -11.75 8.09 2.40
CA ASN B 144 -12.37 7.48 1.22
C ASN B 144 -12.54 8.45 0.07
N GLN B 145 -12.25 9.73 0.31
CA GLN B 145 -12.31 10.77 -0.71
C GLN B 145 -10.92 11.20 -1.15
N LEU B 146 -9.91 10.42 -0.76
CA LEU B 146 -8.53 10.70 -1.11
C LEU B 146 -7.92 9.54 -1.88
N SER B 147 -6.96 9.82 -2.75
CA SER B 147 -6.18 8.77 -3.39
C SER B 147 -5.30 8.09 -2.35
N GLY B 148 -4.78 6.92 -2.70
CA GLY B 148 -3.84 6.21 -1.83
C GLY B 148 -2.66 7.05 -1.32
N GLY B 149 -2.02 7.77 -2.23
CA GLY B 149 -0.84 8.56 -1.85
C GLY B 149 -1.21 9.75 -0.98
N GLN B 150 -2.43 10.24 -1.15
CA GLN B 150 -2.92 11.34 -0.34
C GLN B 150 -3.19 10.83 1.06
N GLN B 151 -3.82 9.65 1.13
CA GLN B 151 -4.00 8.97 2.42
C GLN B 151 -2.66 8.72 3.12
N GLN B 152 -1.64 8.34 2.35
CA GLN B 152 -0.33 8.07 2.95
C GLN B 152 0.22 9.33 3.59
N ARG B 153 0.01 10.45 2.92
CA ARG B 153 0.49 11.73 3.47
C ARG B 153 -0.28 12.14 4.72
N VAL B 154 -1.57 11.79 4.79
CA VAL B 154 -2.31 11.99 6.04
C VAL B 154 -1.69 11.14 7.15
N ALA B 155 -1.35 9.89 6.83
CA ALA B 155 -0.74 9.00 7.82
C ALA B 155 0.61 9.56 8.28
N ILE B 156 1.39 10.09 7.34
CA ILE B 156 2.66 10.70 7.69
C ILE B 156 2.43 11.92 8.61
N ALA B 157 1.52 12.79 8.22
CA ALA B 157 1.20 13.96 9.04
C ALA B 157 0.76 13.55 10.44
N ARG B 158 -0.03 12.48 10.54
CA ARG B 158 -0.50 12.05 11.85
C ARG B 158 0.66 11.58 12.74
N ALA B 159 1.68 11.00 12.13
CA ALA B 159 2.85 10.55 12.89
C ALA B 159 3.62 11.77 13.42
N LEU B 160 3.48 12.89 12.73
CA LEU B 160 4.21 14.10 13.11
C LEU B 160 3.50 14.85 14.24
N ALA B 161 2.21 14.58 14.40
CA ALA B 161 1.33 15.43 15.19
C ALA B 161 1.68 15.50 16.68
N ASN B 162 2.16 14.40 17.26
CA ASN B 162 2.60 14.43 18.66
C ASN B 162 4.05 14.89 18.88
N ASN B 163 4.66 15.48 17.86
CA ASN B 163 6.07 15.88 17.92
C ASN B 163 6.90 14.84 18.69
N PRO B 164 6.89 13.61 18.21
CA PRO B 164 7.53 12.51 18.91
C PRO B 164 9.04 12.56 18.71
N PRO B 165 9.81 12.10 19.69
CA PRO B 165 11.26 11.96 19.56
C PRO B 165 11.66 10.80 18.65
N ILE B 166 10.74 9.84 18.45
CA ILE B 166 10.97 8.70 17.59
C ILE B 166 9.90 8.66 16.50
N ILE B 167 10.33 8.60 15.25
CA ILE B 167 9.41 8.38 14.11
C ILE B 167 9.69 7.00 13.52
N LEU B 168 8.65 6.18 13.41
CA LEU B 168 8.76 4.83 12.88
C LEU B 168 7.87 4.78 11.65
N ALA B 169 8.45 4.41 10.51
CA ALA B 169 7.71 4.52 9.26
C ALA B 169 7.79 3.25 8.43
N ASP B 170 6.62 2.66 8.16
CA ASP B 170 6.55 1.40 7.47
C ASP B 170 6.22 1.66 6.00
N GLN B 171 7.27 1.65 5.16
CA GLN B 171 7.12 1.88 3.73
C GLN B 171 6.42 3.21 3.44
N PRO B 172 6.97 4.31 3.95
CA PRO B 172 6.24 5.58 3.95
C PRO B 172 6.08 6.25 2.57
N THR B 173 6.73 5.72 1.54
CA THR B 173 6.65 6.32 0.22
C THR B 173 5.99 5.41 -0.81
N TRP B 174 5.48 4.25 -0.40
CA TRP B 174 5.03 3.30 -1.41
C TRP B 174 3.97 3.83 -2.36
N ALA B 175 3.09 4.69 -1.84
CA ALA B 175 1.96 5.20 -2.63
C ALA B 175 2.26 6.53 -3.32
N LEU B 176 3.52 6.94 -3.28
CA LEU B 176 3.89 8.26 -3.78
C LEU B 176 4.75 8.19 -5.03
N ASP B 177 4.57 9.16 -5.92
CA ASP B 177 5.46 9.29 -7.06
C ASP B 177 6.85 9.66 -6.56
N SER B 178 7.87 9.46 -7.39
CA SER B 178 9.26 9.68 -6.96
C SER B 178 9.50 11.06 -6.37
N LYS B 179 8.95 12.09 -7.01
CA LYS B 179 9.23 13.45 -6.58
C LYS B 179 8.65 13.76 -5.21
N THR B 180 7.40 13.36 -5.00
CA THR B 180 6.72 13.59 -3.73
C THR B 180 7.38 12.76 -2.64
N GLY B 181 7.77 11.53 -2.98
CA GLY B 181 8.47 10.66 -2.06
C GLY B 181 9.81 11.25 -1.64
N GLU B 182 10.48 11.91 -2.57
CA GLU B 182 11.79 12.50 -2.27
C GLU B 182 11.62 13.59 -1.22
N LYS B 183 10.55 14.36 -1.33
CA LYS B 183 10.25 15.43 -0.39
C LYS B 183 10.00 14.90 1.01
N ILE B 184 9.28 13.79 1.08
CA ILE B 184 9.04 13.15 2.37
C ILE B 184 10.35 12.71 3.00
N MET B 185 11.23 12.13 2.20
CA MET B 185 12.50 11.66 2.75
C MET B 185 13.37 12.85 3.17
N GLN B 186 13.29 13.93 2.41
CA GLN B 186 14.02 15.15 2.77
C GLN B 186 13.50 15.70 4.08
N LEU B 187 12.19 15.62 4.28
CA LEU B 187 11.59 16.00 5.55
C LEU B 187 12.14 15.16 6.70
N LEU B 188 12.19 13.84 6.51
CA LEU B 188 12.73 12.95 7.54
C LEU B 188 14.19 13.28 7.87
N LYS B 189 14.99 13.54 6.85
CA LYS B 189 16.38 13.94 7.02
C LYS B 189 16.51 15.18 7.89
N LYS B 190 15.64 16.16 7.63
CA LYS B 190 15.64 17.43 8.32
C LYS B 190 15.23 17.26 9.79
N LEU B 191 14.17 16.50 10.03
CA LEU B 191 13.75 16.22 11.40
C LEU B 191 14.84 15.49 12.18
N ASN B 192 15.50 14.56 11.50
CA ASN B 192 16.55 13.77 12.11
C ASN B 192 17.76 14.64 12.44
N GLU B 193 18.22 15.40 11.46
CA GLU B 193 19.45 16.16 11.61
C GLU B 193 19.28 17.44 12.41
N GLU B 194 18.26 18.22 12.06
CA GLU B 194 18.01 19.50 12.74
C GLU B 194 17.40 19.33 14.12
N ASP B 195 16.46 18.40 14.27
CA ASP B 195 15.69 18.29 15.49
C ASP B 195 16.07 17.09 16.34
N GLY B 196 17.06 16.33 15.89
CA GLY B 196 17.55 15.19 16.64
C GLY B 196 16.58 14.01 16.79
N LYS B 197 15.56 13.96 15.94
CA LYS B 197 14.61 12.83 16.01
C LYS B 197 15.27 11.53 15.60
N THR B 198 14.87 10.44 16.26
CA THR B 198 15.35 9.10 15.91
C THR B 198 14.39 8.59 14.87
N VAL B 199 14.90 8.14 13.73
CA VAL B 199 14.05 7.75 12.60
C VAL B 199 14.35 6.33 12.16
N VAL B 200 13.31 5.50 12.10
CA VAL B 200 13.47 4.16 11.61
C VAL B 200 12.49 3.96 10.47
N VAL B 201 13.00 3.56 9.30
CA VAL B 201 12.15 3.40 8.11
C VAL B 201 12.28 2.00 7.51
N VAL B 202 11.16 1.35 7.31
CA VAL B 202 11.13 0.07 6.59
C VAL B 202 10.83 0.42 5.14
N THR B 203 11.57 -0.18 4.21
CA THR B 203 11.40 0.16 2.80
C THR B 203 11.89 -0.97 1.89
N HIS B 204 11.29 -1.03 0.71
CA HIS B 204 11.72 -1.89 -0.38
C HIS B 204 12.46 -1.05 -1.43
N ASP B 205 12.54 0.27 -1.20
CA ASP B 205 13.17 1.20 -2.15
C ASP B 205 14.59 1.56 -1.67
N ILE B 206 15.62 1.05 -2.37
CA ILE B 206 17.00 1.27 -1.94
C ILE B 206 17.38 2.77 -1.87
N ASN B 207 16.74 3.58 -2.71
CA ASN B 207 16.96 5.02 -2.69
C ASN B 207 16.42 5.64 -1.40
N VAL B 208 15.32 5.08 -0.91
CA VAL B 208 14.79 5.51 0.37
C VAL B 208 15.71 5.09 1.51
N ALA B 209 16.17 3.84 1.45
CA ALA B 209 16.98 3.27 2.52
C ALA B 209 18.26 4.07 2.67
N ARG B 210 18.74 4.63 1.56
CA ARG B 210 20.02 5.37 1.57
C ARG B 210 20.00 6.69 2.31
N PHE B 211 18.81 7.15 2.72
CA PHE B 211 18.71 8.32 3.61
C PHE B 211 19.15 7.97 5.04
N GLY B 212 19.27 6.67 5.32
CA GLY B 212 19.67 6.22 6.64
C GLY B 212 21.18 6.29 6.78
N GLU B 213 21.67 6.17 8.00
CA GLU B 213 23.12 6.06 8.20
C GLU B 213 23.50 4.60 8.34
N ARG B 214 22.48 3.75 8.41
CA ARG B 214 22.67 2.32 8.54
C ARG B 214 21.48 1.63 7.88
N ILE B 215 21.71 0.48 7.24
CA ILE B 215 20.62 -0.38 6.76
C ILE B 215 20.72 -1.76 7.40
N ILE B 216 19.63 -2.17 8.02
CA ILE B 216 19.55 -3.50 8.61
C ILE B 216 18.77 -4.39 7.67
N TYR B 217 19.38 -5.50 7.23
CA TYR B 217 18.69 -6.44 6.36
C TYR B 217 18.15 -7.64 7.14
N LEU B 218 16.86 -7.94 6.96
CA LEU B 218 16.22 -9.07 7.62
C LEU B 218 16.00 -10.20 6.63
N LYS B 219 15.98 -11.43 7.15
CA LYS B 219 15.75 -12.61 6.34
C LYS B 219 15.25 -13.72 7.25
N ASP B 220 14.08 -14.28 6.94
CA ASP B 220 13.53 -15.37 7.75
C ASP B 220 13.45 -15.04 9.23
N GLY B 221 13.16 -13.78 9.56
CA GLY B 221 12.98 -13.38 10.94
C GLY B 221 14.25 -13.13 11.73
N GLU B 222 15.39 -13.09 11.05
CA GLU B 222 16.65 -12.80 11.71
C GLU B 222 17.38 -11.67 11.00
N VAL B 223 18.32 -11.03 11.70
CA VAL B 223 19.17 -10.05 11.07
C VAL B 223 20.20 -10.76 10.19
N GLU B 224 20.05 -10.60 8.88
CA GLU B 224 20.96 -11.21 7.92
C GLU B 224 22.29 -10.45 7.90
N ARG B 225 22.21 -9.14 7.79
CA ARG B 225 23.42 -8.32 7.77
C ARG B 225 23.10 -6.86 8.00
N GLU B 226 24.16 -6.10 8.20
CA GLU B 226 24.05 -4.68 8.50
C GLU B 226 24.97 -3.93 7.53
N GLU B 227 24.49 -2.83 6.97
CA GLU B 227 25.33 -1.98 6.13
C GLU B 227 25.46 -0.59 6.73
N LYS B 228 26.69 -0.18 7.00
CA LYS B 228 26.96 1.14 7.54
C LYS B 228 27.22 2.10 6.39
N LEU B 229 26.45 3.19 6.34
CA LEU B 229 26.51 4.11 5.21
C LEU B 229 27.36 5.33 5.54
N ARG B 230 27.83 5.39 6.78
CA ARG B 230 28.77 6.44 7.19
C ARG B 230 29.96 5.83 7.93
N GLY B 231 31.06 6.56 7.97
CA GLY B 231 32.31 6.01 8.48
C GLY B 231 32.28 5.60 9.93
N PHE B 232 33.19 4.72 10.33
CA PHE B 232 33.32 4.29 11.72
C PHE B 232 34.74 3.83 12.03
#